data_4ASZ
#
_entry.id   4ASZ
#
_cell.length_a   86.993
_cell.length_b   96.777
_cell.length_c   46.378
_cell.angle_alpha   90.00
_cell.angle_beta   90.00
_cell.angle_gamma   90.00
#
_symmetry.space_group_name_H-M   'P 21 21 2'
#
loop_
_entity.id
_entity.type
_entity.pdbx_description
1 polymer 'BDNF/NT-3 GROWTH FACTORS RECEPTOR'
2 water water
#
_entity_poly.entity_id   1
_entity_poly.type   'polypeptide(L)'
_entity_poly.pdbx_seq_one_letter_code
;GAMDTFVQHIKRHNIVLKRELGEGAFGKVFLAECYNLCPEQDKILVAVKTLKDASDNARKDFHREAELLTNLQHEHIVKF
YGVCVEGDPLIMVFEYMKHGDLNKFLRAHGPDAVLMAEGNPPTELTQSQMLHIAQQIAAGMVYLASQHFVHRDLATRNCL
VGENLLVKIGDFGMSRDVYSTDYYRVGGHTMLPIRWMPPESIMYRKFTTESDVWSLGVVLWEIFTYGKQPWYQLSNNEVI
ECITQGRVLQRPRTCPQEVYELMLGCWQREPHMRKNIKGIHTLLQNLAKASPVYLDILG
;
_entity_poly.pdbx_strand_id   A
#
# COMPACT_ATOMS: atom_id res chain seq x y z
N GLY A 1 7.47 20.29 -7.63
CA GLY A 1 7.51 21.72 -7.89
C GLY A 1 6.18 22.29 -8.31
N ALA A 2 6.12 23.62 -8.53
CA ALA A 2 4.92 24.36 -8.93
C ALA A 2 4.28 23.85 -10.23
N MET A 3 5.10 23.42 -11.21
CA MET A 3 4.63 22.90 -12.50
C MET A 3 3.86 21.59 -12.36
N ASP A 4 4.14 20.81 -11.29
CA ASP A 4 3.47 19.54 -11.03
C ASP A 4 1.98 19.67 -10.65
N THR A 5 1.52 20.90 -10.37
CA THR A 5 0.12 21.22 -10.06
C THR A 5 -0.75 20.92 -11.30
N PHE A 6 -0.16 21.06 -12.50
CA PHE A 6 -0.82 20.91 -13.80
C PHE A 6 -0.63 19.51 -14.41
N VAL A 7 -1.76 18.83 -14.67
CA VAL A 7 -1.82 17.46 -15.21
C VAL A 7 -1.15 17.33 -16.58
N GLN A 8 -0.23 16.37 -16.70
CA GLN A 8 0.44 16.04 -17.96
C GLN A 8 -0.52 15.21 -18.82
N HIS A 9 -0.74 15.62 -20.07
CA HIS A 9 -1.56 14.87 -21.01
C HIS A 9 -0.66 14.08 -21.97
N ILE A 10 -1.03 12.82 -22.22
CA ILE A 10 -0.26 11.87 -23.04
C ILE A 10 -1.05 11.52 -24.30
N LYS A 11 -0.34 11.43 -25.45
CA LYS A 11 -0.93 11.09 -26.74
C LYS A 11 -1.32 9.60 -26.78
N ARG A 12 -2.50 9.25 -27.33
CA ARG A 12 -2.99 7.87 -27.41
C ARG A 12 -2.02 6.91 -28.12
N HIS A 13 -1.43 7.36 -29.23
CA HIS A 13 -0.46 6.56 -30.01
C HIS A 13 0.86 6.26 -29.28
N ASN A 14 1.12 6.96 -28.15
CA ASN A 14 2.32 6.72 -27.34
C ASN A 14 2.11 5.61 -26.30
N ILE A 15 0.88 5.07 -26.20
CA ILE A 15 0.53 4.00 -25.24
C ILE A 15 0.25 2.70 -26.02
N VAL A 16 1.00 1.63 -25.71
CA VAL A 16 0.85 0.32 -26.35
C VAL A 16 0.36 -0.67 -25.29
N LEU A 17 -0.95 -1.02 -25.30
CA LEU A 17 -1.50 -1.96 -24.31
C LEU A 17 -0.97 -3.37 -24.55
N LYS A 18 -0.46 -4.01 -23.47
CA LYS A 18 0.15 -5.34 -23.56
C LYS A 18 -0.61 -6.48 -22.89
N ARG A 19 -1.05 -6.29 -21.63
CA ARG A 19 -1.75 -7.35 -20.88
C ARG A 19 -2.86 -6.80 -20.00
N GLU A 20 -4.03 -7.46 -19.98
CA GLU A 20 -5.12 -7.06 -19.08
C GLU A 20 -4.83 -7.69 -17.72
N LEU A 21 -4.47 -6.86 -16.73
CA LEU A 21 -4.10 -7.33 -15.39
C LEU A 21 -5.30 -7.63 -14.49
N GLY A 22 -6.42 -6.96 -14.74
CA GLY A 22 -7.65 -7.17 -13.97
C GLY A 22 -8.69 -6.07 -14.14
N GLU A 23 -9.71 -6.07 -13.24
CA GLU A 23 -10.80 -5.10 -13.24
C GLU A 23 -11.04 -4.58 -11.82
N PHE A 26 -13.52 3.84 -12.47
CA PHE A 26 -13.69 2.40 -12.33
C PHE A 26 -13.65 1.69 -13.69
N GLY A 27 -12.87 0.63 -13.79
CA GLY A 27 -12.70 -0.14 -15.01
C GLY A 27 -11.54 -1.13 -14.99
N LYS A 28 -10.96 -1.38 -16.17
CA LYS A 28 -9.86 -2.33 -16.37
C LYS A 28 -8.47 -1.75 -16.06
N VAL A 29 -7.51 -2.64 -15.74
CA VAL A 29 -6.11 -2.31 -15.44
C VAL A 29 -5.24 -3.06 -16.45
N PHE A 30 -4.25 -2.38 -17.05
CA PHE A 30 -3.37 -2.99 -18.03
C PHE A 30 -1.89 -2.74 -17.82
N LEU A 31 -1.05 -3.69 -18.28
CA LEU A 31 0.40 -3.51 -18.38
C LEU A 31 0.56 -2.95 -19.79
N ALA A 32 1.37 -1.89 -19.95
CA ALA A 32 1.56 -1.23 -21.24
C ALA A 32 2.98 -0.67 -21.40
N GLU A 33 3.32 -0.26 -22.63
CA GLU A 33 4.59 0.40 -22.95
C GLU A 33 4.24 1.86 -23.24
N CYS A 34 5.05 2.80 -22.75
CA CYS A 34 4.81 4.22 -23.00
C CYS A 34 6.03 4.88 -23.64
N TYR A 35 5.80 5.54 -24.78
CA TYR A 35 6.81 6.22 -25.59
C TYR A 35 6.77 7.73 -25.37
N ASN A 36 7.91 8.42 -25.65
CA ASN A 36 8.08 9.88 -25.55
C ASN A 36 7.73 10.47 -24.18
N LEU A 37 7.98 9.69 -23.12
CA LEU A 37 7.70 10.04 -21.72
C LEU A 37 9.04 10.23 -20.99
N CYS A 38 9.87 9.16 -20.95
CA CYS A 38 11.20 9.10 -20.32
C CYS A 38 11.25 9.62 -18.89
N LYS A 43 11.36 3.99 -24.73
CA LYS A 43 10.13 3.47 -24.13
C LYS A 43 10.33 2.89 -22.73
N ILE A 44 9.27 2.94 -21.90
CA ILE A 44 9.25 2.40 -20.54
C ILE A 44 7.96 1.58 -20.30
N LEU A 45 8.00 0.61 -19.36
CA LEU A 45 6.82 -0.15 -18.99
C LEU A 45 5.99 0.67 -18.03
N VAL A 46 4.66 0.63 -18.17
CA VAL A 46 3.72 1.38 -17.34
C VAL A 46 2.51 0.54 -16.93
N ALA A 47 1.86 0.92 -15.81
CA ALA A 47 0.63 0.31 -15.32
C ALA A 47 -0.46 1.36 -15.61
N VAL A 48 -1.49 0.98 -16.38
CA VAL A 48 -2.55 1.92 -16.74
C VAL A 48 -3.94 1.54 -16.24
N LYS A 49 -4.75 2.54 -15.87
CA LYS A 49 -6.14 2.37 -15.43
C LYS A 49 -7.04 3.00 -16.49
N THR A 50 -8.07 2.27 -16.96
CA THR A 50 -8.99 2.76 -17.99
C THR A 50 -10.39 3.04 -17.46
N LEU A 51 -11.07 4.03 -18.08
CA LEU A 51 -12.44 4.43 -17.77
C LEU A 51 -13.20 4.49 -19.10
N LYS A 52 -14.04 3.46 -19.35
CA LYS A 52 -14.80 3.27 -20.59
C LYS A 52 -16.24 3.79 -20.53
N ASP A 53 -16.62 4.62 -21.53
CA ASP A 53 -17.94 5.24 -21.74
C ASP A 53 -18.63 5.67 -20.43
N ALA A 54 -17.95 6.51 -19.66
CA ALA A 54 -18.43 7.01 -18.38
C ALA A 54 -19.31 8.24 -18.51
N SER A 55 -20.14 8.50 -17.47
CA SER A 55 -21.04 9.65 -17.39
C SER A 55 -20.22 10.95 -17.21
N ASP A 56 -20.87 12.12 -17.42
CA ASP A 56 -20.24 13.44 -17.26
C ASP A 56 -19.64 13.60 -15.85
N ASN A 57 -20.37 13.11 -14.81
CA ASN A 57 -19.91 13.15 -13.42
C ASN A 57 -18.70 12.23 -13.21
N ALA A 58 -18.71 11.02 -13.82
CA ALA A 58 -17.63 10.05 -13.70
C ALA A 58 -16.33 10.55 -14.37
N ARG A 59 -16.46 11.25 -15.54
CA ARG A 59 -15.32 11.84 -16.24
C ARG A 59 -14.79 13.05 -15.44
N LYS A 60 -15.71 13.78 -14.77
CA LYS A 60 -15.37 14.91 -13.89
C LYS A 60 -14.53 14.37 -12.72
N ASP A 61 -14.97 13.23 -12.12
CA ASP A 61 -14.27 12.56 -11.01
C ASP A 61 -12.88 12.10 -11.45
N PHE A 62 -12.73 11.66 -12.73
CA PHE A 62 -11.48 11.21 -13.32
C PHE A 62 -10.45 12.34 -13.34
N HIS A 63 -10.86 13.54 -13.84
CA HIS A 63 -9.97 14.70 -13.92
C HIS A 63 -9.64 15.22 -12.52
N ARG A 64 -10.62 15.15 -11.59
CA ARG A 64 -10.45 15.55 -10.19
C ARG A 64 -9.36 14.66 -9.54
N GLU A 65 -9.41 13.34 -9.80
CA GLU A 65 -8.42 12.39 -9.28
C GLU A 65 -7.05 12.66 -9.88
N ALA A 66 -6.99 12.94 -11.20
CA ALA A 66 -5.74 13.26 -11.89
C ALA A 66 -5.09 14.50 -11.28
N GLU A 67 -5.89 15.55 -10.97
CA GLU A 67 -5.42 16.80 -10.35
C GLU A 67 -4.87 16.58 -8.93
N LEU A 68 -5.40 15.57 -8.21
CA LEU A 68 -4.93 15.22 -6.87
C LEU A 68 -3.59 14.48 -7.00
N LEU A 69 -3.54 13.44 -7.86
CA LEU A 69 -2.36 12.59 -8.08
C LEU A 69 -1.13 13.30 -8.65
N THR A 70 -1.34 14.29 -9.54
CA THR A 70 -0.25 15.04 -10.17
C THR A 70 0.71 15.74 -9.19
N ASN A 71 0.20 16.24 -8.04
CA ASN A 71 1.05 16.92 -7.06
C ASN A 71 1.27 16.12 -5.76
N LEU A 72 0.77 14.87 -5.72
CA LEU A 72 0.99 13.96 -4.59
C LEU A 72 2.22 13.12 -4.96
N GLN A 73 3.38 13.79 -5.05
CA GLN A 73 4.65 13.20 -5.49
C GLN A 73 5.65 12.99 -4.37
N HIS A 74 6.20 11.76 -4.28
CA HIS A 74 7.18 11.39 -3.27
C HIS A 74 7.94 10.15 -3.71
N GLU A 75 9.18 9.98 -3.19
CA GLU A 75 10.07 8.84 -3.46
C GLU A 75 9.39 7.49 -3.14
N HIS A 76 8.47 7.48 -2.16
CA HIS A 76 7.80 6.26 -1.72
C HIS A 76 6.29 6.16 -2.00
N ILE A 77 5.84 6.91 -3.01
CA ILE A 77 4.46 6.90 -3.52
C ILE A 77 4.58 6.52 -5.00
N VAL A 78 3.78 5.54 -5.46
CA VAL A 78 3.81 5.09 -6.87
C VAL A 78 3.69 6.28 -7.83
N LYS A 79 4.61 6.36 -8.80
CA LYS A 79 4.67 7.48 -9.74
C LYS A 79 3.48 7.55 -10.69
N PHE A 80 2.84 8.74 -10.72
CA PHE A 80 1.74 9.08 -11.63
C PHE A 80 2.37 9.90 -12.75
N TYR A 81 2.21 9.45 -14.01
CA TYR A 81 2.79 10.12 -15.18
C TYR A 81 1.85 11.09 -15.91
N GLY A 82 0.55 10.82 -15.85
CA GLY A 82 -0.44 11.65 -16.52
C GLY A 82 -1.65 10.90 -17.02
N VAL A 83 -2.42 11.54 -17.93
CA VAL A 83 -3.65 10.98 -18.49
C VAL A 83 -3.73 11.11 -20.01
N CYS A 84 -4.53 10.24 -20.65
CA CYS A 84 -4.87 10.34 -22.07
C CYS A 84 -6.39 10.39 -22.16
N VAL A 85 -6.93 11.52 -22.63
CA VAL A 85 -8.37 11.70 -22.78
C VAL A 85 -8.80 11.87 -24.24
N GLU A 86 -7.90 11.47 -25.18
CA GLU A 86 -8.14 11.49 -26.62
C GLU A 86 -8.92 10.21 -26.94
N GLY A 87 -10.22 10.37 -27.18
CA GLY A 87 -11.10 9.24 -27.47
C GLY A 87 -11.48 8.46 -26.24
N ASP A 88 -12.08 7.27 -26.46
CA ASP A 88 -12.53 6.38 -25.40
C ASP A 88 -11.83 5.02 -25.49
N PRO A 89 -11.36 4.41 -24.37
CA PRO A 89 -11.50 4.85 -22.97
C PRO A 89 -10.50 5.91 -22.52
N LEU A 90 -10.80 6.56 -21.38
CA LEU A 90 -9.92 7.54 -20.72
C LEU A 90 -8.83 6.69 -20.05
N ILE A 91 -7.57 7.14 -20.11
CA ILE A 91 -6.45 6.35 -19.57
C ILE A 91 -5.62 7.13 -18.54
N MET A 92 -5.36 6.52 -17.37
CA MET A 92 -4.53 7.08 -16.30
C MET A 92 -3.23 6.26 -16.29
N VAL A 93 -2.06 6.92 -16.40
CA VAL A 93 -0.76 6.27 -16.53
C VAL A 93 0.12 6.36 -15.28
N PHE A 94 0.62 5.20 -14.80
CA PHE A 94 1.49 5.07 -13.63
C PHE A 94 2.74 4.26 -13.98
N GLU A 95 3.79 4.33 -13.14
CA GLU A 95 4.99 3.51 -13.38
C GLU A 95 4.66 2.03 -13.13
N TYR A 96 5.44 1.13 -13.71
CA TYR A 96 5.25 -0.31 -13.51
C TYR A 96 6.31 -0.81 -12.54
N MET A 97 5.87 -1.22 -11.34
CA MET A 97 6.76 -1.75 -10.31
C MET A 97 6.97 -3.23 -10.62
N LYS A 98 8.19 -3.55 -11.11
CA LYS A 98 8.65 -4.87 -11.59
C LYS A 98 8.29 -6.08 -10.73
N HIS A 99 8.48 -5.97 -9.41
CA HIS A 99 8.26 -7.11 -8.50
C HIS A 99 6.85 -7.29 -7.88
N GLY A 100 5.87 -6.52 -8.37
CA GLY A 100 4.47 -6.62 -7.96
C GLY A 100 4.13 -6.24 -6.53
N ASP A 101 2.94 -6.66 -6.05
CA ASP A 101 2.47 -6.32 -4.71
C ASP A 101 3.35 -6.89 -3.59
N LEU A 102 3.48 -6.12 -2.50
CA LEU A 102 4.33 -6.51 -1.36
C LEU A 102 3.90 -7.76 -0.61
N ASN A 103 2.57 -8.04 -0.50
CA ASN A 103 2.12 -9.25 0.19
C ASN A 103 2.64 -10.50 -0.55
N LYS A 104 2.49 -10.52 -1.89
CA LYS A 104 2.99 -11.63 -2.74
C LYS A 104 4.50 -11.78 -2.59
N PHE A 105 5.24 -10.64 -2.57
CA PHE A 105 6.69 -10.62 -2.42
C PHE A 105 7.13 -11.21 -1.08
N LEU A 106 6.49 -10.76 0.03
CA LEU A 106 6.79 -11.25 1.38
C LEU A 106 6.59 -12.77 1.48
N ARG A 107 5.45 -13.28 0.97
CA ARG A 107 5.12 -14.72 0.98
C ARG A 107 6.10 -15.53 0.12
N ALA A 108 6.57 -14.97 -1.01
CA ALA A 108 7.53 -15.61 -1.92
C ALA A 108 8.93 -15.78 -1.26
N HIS A 109 9.22 -15.00 -0.21
CA HIS A 109 10.49 -15.05 0.52
C HIS A 109 10.32 -15.53 1.97
N GLY A 110 9.24 -16.29 2.21
CA GLY A 110 8.95 -16.85 3.52
C GLY A 110 9.54 -18.23 3.71
N PRO A 111 9.67 -18.70 4.98
CA PRO A 111 10.24 -20.05 5.22
C PRO A 111 9.54 -21.19 4.49
N ASP A 112 8.20 -21.10 4.34
CA ASP A 112 7.38 -22.09 3.63
C ASP A 112 7.76 -22.16 2.14
N ALA A 113 7.96 -20.98 1.49
CA ALA A 113 8.34 -20.87 0.08
C ALA A 113 9.74 -21.43 -0.19
N VAL A 114 10.66 -21.28 0.78
CA VAL A 114 12.05 -21.77 0.70
C VAL A 114 12.03 -23.30 0.79
N LEU A 115 11.37 -23.83 1.83
CA LEU A 115 11.22 -25.27 2.12
C LEU A 115 10.43 -26.00 1.03
N MET A 116 9.38 -25.33 0.47
CA MET A 116 8.47 -25.80 -0.57
C MET A 116 7.61 -26.97 -0.09
N PRO A 121 15.97 -22.50 -5.03
CA PRO A 121 15.01 -21.95 -4.05
C PRO A 121 15.16 -20.44 -3.84
N PRO A 122 14.11 -19.73 -3.35
CA PRO A 122 14.28 -18.29 -3.08
C PRO A 122 15.05 -18.09 -1.78
N THR A 123 15.54 -16.86 -1.52
CA THR A 123 16.23 -16.59 -0.26
C THR A 123 15.17 -16.17 0.76
N GLU A 124 15.36 -16.59 2.02
CA GLU A 124 14.45 -16.21 3.11
C GLU A 124 14.71 -14.73 3.41
N LEU A 125 13.64 -13.94 3.54
CA LEU A 125 13.75 -12.50 3.84
C LEU A 125 14.42 -12.30 5.20
N THR A 126 15.48 -11.47 5.24
CA THR A 126 16.24 -11.21 6.46
C THR A 126 15.61 -10.08 7.28
N GLN A 127 15.96 -10.02 8.59
CA GLN A 127 15.50 -8.96 9.51
C GLN A 127 15.92 -7.58 8.98
N SER A 128 17.15 -7.47 8.40
CA SER A 128 17.67 -6.23 7.81
C SER A 128 16.83 -5.80 6.60
N GLN A 129 16.45 -6.77 5.75
CA GLN A 129 15.59 -6.52 4.59
C GLN A 129 14.18 -6.09 5.05
N MET A 130 13.67 -6.70 6.14
CA MET A 130 12.37 -6.34 6.74
C MET A 130 12.37 -4.88 7.21
N LEU A 131 13.45 -4.46 7.90
CA LEU A 131 13.60 -3.08 8.39
C LEU A 131 13.67 -2.08 7.22
N HIS A 132 14.35 -2.47 6.12
CA HIS A 132 14.46 -1.63 4.92
C HIS A 132 13.08 -1.41 4.27
N ILE A 133 12.26 -2.47 4.20
CA ILE A 133 10.90 -2.37 3.64
C ILE A 133 10.04 -1.46 4.55
N ALA A 134 10.07 -1.70 5.87
CA ALA A 134 9.34 -0.94 6.89
C ALA A 134 9.60 0.57 6.85
N GLN A 135 10.89 0.99 6.83
CA GLN A 135 11.25 2.42 6.83
C GLN A 135 10.72 3.16 5.61
N GLN A 136 10.68 2.49 4.44
CA GLN A 136 10.20 3.06 3.19
C GLN A 136 8.69 3.35 3.22
N ILE A 137 7.90 2.41 3.77
CA ILE A 137 6.45 2.59 3.90
C ILE A 137 6.17 3.73 4.87
N ALA A 138 6.89 3.78 6.02
CA ALA A 138 6.74 4.84 7.01
C ALA A 138 7.07 6.21 6.40
N ALA A 139 8.11 6.27 5.53
CA ALA A 139 8.51 7.50 4.83
C ALA A 139 7.37 7.99 3.94
N GLY A 140 6.73 7.07 3.21
CA GLY A 140 5.57 7.37 2.37
C GLY A 140 4.39 7.90 3.19
N MET A 141 4.15 7.30 4.38
CA MET A 141 3.08 7.72 5.28
C MET A 141 3.30 9.11 5.89
N VAL A 142 4.57 9.48 6.20
CA VAL A 142 4.93 10.82 6.70
C VAL A 142 4.51 11.84 5.62
N TYR A 143 4.83 11.54 4.34
CA TYR A 143 4.48 12.40 3.22
C TYR A 143 2.95 12.57 3.10
N LEU A 144 2.20 11.45 3.08
CA LEU A 144 0.74 11.50 2.98
C LEU A 144 0.09 12.31 4.11
N ALA A 145 0.58 12.14 5.35
CA ALA A 145 0.09 12.89 6.52
C ALA A 145 0.35 14.40 6.36
N SER A 146 1.53 14.76 5.79
CA SER A 146 1.91 16.17 5.57
C SER A 146 0.99 16.86 4.56
N GLN A 147 0.36 16.08 3.66
CA GLN A 147 -0.55 16.55 2.61
C GLN A 147 -2.03 16.39 3.03
N HIS A 148 -2.27 15.99 4.29
CA HIS A 148 -3.61 15.77 4.87
C HIS A 148 -4.40 14.72 4.08
N PHE A 149 -3.69 13.69 3.57
CA PHE A 149 -4.26 12.59 2.81
C PHE A 149 -4.46 11.38 3.71
N VAL A 150 -5.70 10.89 3.80
CA VAL A 150 -6.05 9.72 4.61
C VAL A 150 -6.19 8.54 3.63
N HIS A 151 -5.36 7.48 3.81
CA HIS A 151 -5.34 6.32 2.90
C HIS A 151 -6.57 5.41 3.02
N ARG A 152 -6.91 4.98 4.26
CA ARG A 152 -8.05 4.10 4.62
C ARG A 152 -7.85 2.61 4.35
N ASP A 153 -6.82 2.24 3.55
CA ASP A 153 -6.58 0.82 3.23
C ASP A 153 -5.10 0.45 3.17
N LEU A 154 -4.32 0.92 4.16
CA LEU A 154 -2.90 0.60 4.22
C LEU A 154 -2.72 -0.86 4.64
N ALA A 155 -2.04 -1.63 3.79
CA ALA A 155 -1.76 -3.05 3.94
C ALA A 155 -0.68 -3.42 2.92
N THR A 156 0.08 -4.52 3.16
CA THR A 156 1.13 -4.91 2.21
C THR A 156 0.60 -5.19 0.79
N ARG A 157 -0.67 -5.67 0.67
CA ARG A 157 -1.28 -5.90 -0.65
C ARG A 157 -1.39 -4.57 -1.44
N ASN A 158 -1.44 -3.43 -0.72
CA ASN A 158 -1.55 -2.08 -1.28
C ASN A 158 -0.21 -1.30 -1.30
N CYS A 159 0.90 -2.06 -1.34
CA CYS A 159 2.27 -1.58 -1.49
C CYS A 159 2.89 -2.34 -2.65
N LEU A 160 3.86 -1.73 -3.34
CA LEU A 160 4.51 -2.31 -4.52
C LEU A 160 6.02 -2.39 -4.36
N VAL A 161 6.64 -3.38 -5.02
CA VAL A 161 8.09 -3.62 -4.94
C VAL A 161 8.73 -3.46 -6.32
N GLY A 162 9.79 -2.66 -6.38
CA GLY A 162 10.57 -2.43 -7.60
C GLY A 162 11.93 -3.07 -7.49
N GLU A 163 12.93 -2.54 -8.23
CA GLU A 163 14.31 -3.04 -8.22
C GLU A 163 15.06 -2.56 -6.96
N ASN A 164 16.16 -3.26 -6.56
CA ASN A 164 17.03 -2.92 -5.40
C ASN A 164 16.22 -2.78 -4.08
N LEU A 165 15.18 -3.61 -3.91
CA LEU A 165 14.27 -3.62 -2.75
C LEU A 165 13.61 -2.24 -2.48
N LEU A 166 13.31 -1.50 -3.56
CA LEU A 166 12.62 -0.22 -3.49
C LEU A 166 11.14 -0.53 -3.27
N VAL A 167 10.54 0.10 -2.25
CA VAL A 167 9.13 -0.12 -1.90
C VAL A 167 8.37 1.19 -1.90
N LYS A 168 7.17 1.17 -2.48
CA LYS A 168 6.29 2.34 -2.56
C LYS A 168 4.84 1.99 -2.21
N ILE A 169 4.09 2.97 -1.69
CA ILE A 169 2.67 2.81 -1.39
C ILE A 169 1.93 3.03 -2.71
N GLY A 170 1.07 2.08 -3.07
CA GLY A 170 0.29 2.18 -4.31
C GLY A 170 -0.45 0.91 -4.67
N ASP A 171 -1.59 1.08 -5.35
CA ASP A 171 -2.44 -0.03 -5.82
C ASP A 171 -3.30 0.47 -6.98
N PHE A 172 -3.88 -0.46 -7.74
CA PHE A 172 -4.69 -0.11 -8.92
C PHE A 172 -6.18 -0.42 -8.78
N GLY A 173 -6.66 -0.45 -7.54
CA GLY A 173 -8.07 -0.66 -7.20
C GLY A 173 -8.62 -2.05 -7.47
N MET A 174 -7.78 -3.09 -7.35
CA MET A 174 -8.16 -4.49 -7.58
C MET A 174 -8.21 -5.32 -6.27
N SER A 175 -7.65 -4.81 -5.16
CA SER A 175 -7.56 -5.51 -3.87
C SER A 175 -8.82 -6.13 -3.30
N ARG A 176 -9.98 -5.45 -3.40
CA ARG A 176 -11.26 -5.98 -2.90
C ARG A 176 -11.70 -7.25 -3.66
N ASP A 177 -11.16 -7.46 -4.88
CA ASP A 177 -11.42 -8.63 -5.72
C ASP A 177 -10.33 -9.69 -5.52
N VAL A 178 -9.05 -9.33 -5.76
CA VAL A 178 -7.88 -10.21 -5.63
C VAL A 178 -7.68 -10.75 -4.19
N TYR A 179 -7.90 -9.89 -3.18
CA TYR A 179 -7.75 -10.25 -1.76
C TYR A 179 -9.09 -10.15 -1.00
N SER A 180 -10.17 -10.73 -1.58
CA SER A 180 -11.53 -10.70 -1.03
C SER A 180 -11.64 -11.11 0.45
N THR A 181 -10.84 -12.11 0.89
CA THR A 181 -10.81 -12.61 2.27
C THR A 181 -10.37 -11.54 3.31
N ASP A 182 -9.65 -10.50 2.85
CA ASP A 182 -9.16 -9.41 3.70
C ASP A 182 -10.22 -8.31 3.96
N TYR A 183 -11.45 -8.48 3.44
CA TYR A 183 -12.52 -7.49 3.60
C TYR A 183 -13.78 -8.12 4.19
N TYR A 184 -14.49 -7.36 5.03
CA TYR A 184 -15.72 -7.78 5.72
C TYR A 184 -16.82 -6.75 5.45
N ARG A 185 -18.08 -7.21 5.30
CA ARG A 185 -19.20 -6.31 5.02
C ARG A 185 -19.74 -5.70 6.32
N VAL A 186 -19.06 -4.64 6.81
CA VAL A 186 -19.41 -3.92 8.04
C VAL A 186 -20.84 -3.40 7.98
N GLY A 187 -21.65 -3.78 8.96
CA GLY A 187 -23.06 -3.40 9.08
C GLY A 187 -23.94 -3.87 7.93
N GLY A 188 -23.41 -4.79 7.13
CA GLY A 188 -24.05 -5.32 5.93
C GLY A 188 -24.11 -4.30 4.80
N HIS A 189 -23.26 -3.25 4.88
CA HIS A 189 -23.27 -2.16 3.90
C HIS A 189 -21.97 -1.81 3.17
N THR A 190 -20.80 -1.87 3.84
CA THR A 190 -19.52 -1.48 3.23
C THR A 190 -18.41 -2.51 3.44
N MET A 191 -17.73 -2.91 2.33
CA MET A 191 -16.59 -3.84 2.38
C MET A 191 -15.38 -3.09 2.96
N LEU A 192 -14.97 -3.45 4.19
CA LEU A 192 -13.87 -2.79 4.89
C LEU A 192 -12.79 -3.76 5.40
N PRO A 193 -11.49 -3.33 5.39
CA PRO A 193 -10.41 -4.22 5.84
C PRO A 193 -10.27 -4.27 7.37
N ILE A 194 -11.26 -4.88 8.06
CA ILE A 194 -11.32 -4.98 9.52
C ILE A 194 -10.04 -5.39 10.26
N ARG A 195 -9.29 -6.37 9.70
CA ARG A 195 -8.05 -6.87 10.34
C ARG A 195 -6.94 -5.81 10.45
N TRP A 196 -7.03 -4.73 9.64
CA TRP A 196 -6.08 -3.61 9.62
C TRP A 196 -6.64 -2.34 10.26
N MET A 197 -7.88 -2.40 10.80
CA MET A 197 -8.58 -1.24 11.33
C MET A 197 -8.65 -1.07 12.86
N PRO A 198 -8.63 0.19 13.36
CA PRO A 198 -8.79 0.43 14.81
C PRO A 198 -10.27 0.40 15.24
N PRO A 199 -10.58 0.40 16.56
CA PRO A 199 -12.00 0.36 16.99
C PRO A 199 -12.91 1.45 16.43
N GLU A 200 -12.45 2.72 16.38
CA GLU A 200 -13.29 3.82 15.90
C GLU A 200 -13.66 3.72 14.41
N SER A 201 -12.78 3.10 13.60
CA SER A 201 -13.04 2.91 12.18
C SER A 201 -14.06 1.79 11.97
N ILE A 202 -13.97 0.69 12.76
CA ILE A 202 -14.91 -0.43 12.64
C ILE A 202 -16.31 -0.02 13.15
N MET A 203 -16.36 0.60 14.34
CA MET A 203 -17.61 0.95 15.01
C MET A 203 -18.31 2.22 14.56
N TYR A 204 -17.53 3.25 14.15
CA TYR A 204 -18.09 4.54 13.77
C TYR A 204 -17.73 5.02 12.36
N ARG A 205 -16.92 4.22 11.62
CA ARG A 205 -16.49 4.53 10.25
C ARG A 205 -15.72 5.88 10.19
N LYS A 206 -14.91 6.16 11.24
CA LYS A 206 -14.09 7.35 11.35
C LYS A 206 -12.68 6.99 10.88
N PHE A 207 -12.26 7.57 9.75
CA PHE A 207 -10.96 7.33 9.14
C PHE A 207 -10.14 8.62 9.17
N THR A 208 -8.95 8.55 9.78
CA THR A 208 -8.05 9.69 9.97
C THR A 208 -6.59 9.25 9.81
N THR A 209 -5.66 10.23 9.96
CA THR A 209 -4.21 10.00 9.99
C THR A 209 -3.90 8.97 11.11
N GLU A 210 -4.65 9.05 12.23
CA GLU A 210 -4.49 8.18 13.40
C GLU A 210 -4.96 6.75 13.13
N SER A 211 -6.01 6.56 12.29
CA SER A 211 -6.45 5.20 11.93
C SER A 211 -5.45 4.59 10.93
N ASP A 212 -4.79 5.44 10.11
CA ASP A 212 -3.72 5.01 9.20
C ASP A 212 -2.49 4.54 10.01
N VAL A 213 -2.20 5.21 11.16
CA VAL A 213 -1.11 4.82 12.07
C VAL A 213 -1.37 3.39 12.61
N TRP A 214 -2.63 3.11 13.04
CA TRP A 214 -2.99 1.76 13.51
C TRP A 214 -2.68 0.74 12.40
N SER A 215 -3.12 1.03 11.16
CA SER A 215 -2.89 0.18 9.98
C SER A 215 -1.39 -0.06 9.73
N LEU A 216 -0.55 0.99 9.94
CA LEU A 216 0.91 0.87 9.80
C LEU A 216 1.48 -0.15 10.80
N GLY A 217 0.97 -0.16 12.02
CA GLY A 217 1.35 -1.15 13.03
C GLY A 217 1.09 -2.57 12.53
N VAL A 218 -0.09 -2.78 11.92
CA VAL A 218 -0.48 -4.07 11.34
C VAL A 218 0.42 -4.41 10.11
N VAL A 219 0.82 -3.38 9.31
CA VAL A 219 1.74 -3.56 8.17
C VAL A 219 3.09 -4.07 8.69
N LEU A 220 3.58 -3.52 9.81
CA LEU A 220 4.85 -3.97 10.42
C LEU A 220 4.75 -5.44 10.84
N TRP A 221 3.59 -5.86 11.40
CA TRP A 221 3.33 -7.26 11.78
C TRP A 221 3.42 -8.15 10.54
N GLU A 222 2.78 -7.73 9.42
CA GLU A 222 2.80 -8.45 8.15
C GLU A 222 4.22 -8.68 7.65
N ILE A 223 5.05 -7.60 7.62
CA ILE A 223 6.43 -7.66 7.16
C ILE A 223 7.23 -8.69 7.95
N PHE A 224 7.19 -8.59 9.29
CA PHE A 224 7.94 -9.49 10.16
C PHE A 224 7.42 -10.93 10.23
N THR A 225 6.21 -11.19 9.65
CA THR A 225 5.61 -12.53 9.59
C THR A 225 5.59 -13.09 8.16
N TYR A 226 6.36 -12.47 7.23
CA TYR A 226 6.44 -12.90 5.82
C TYR A 226 5.08 -12.86 5.09
N GLY A 227 4.26 -11.85 5.41
CA GLY A 227 2.97 -11.61 4.77
C GLY A 227 1.78 -12.42 5.23
N LYS A 228 1.88 -13.10 6.39
CA LYS A 228 0.77 -13.88 6.95
C LYS A 228 -0.43 -12.94 7.22
N GLN A 229 -1.67 -13.46 7.12
CA GLN A 229 -2.85 -12.64 7.39
C GLN A 229 -2.96 -12.34 8.90
N PRO A 230 -3.12 -11.06 9.30
CA PRO A 230 -3.26 -10.73 10.73
C PRO A 230 -4.50 -11.42 11.31
N TRP A 231 -4.36 -11.98 12.53
CA TRP A 231 -5.43 -12.70 13.24
C TRP A 231 -5.94 -13.91 12.42
N TYR A 232 -5.05 -14.58 11.65
CA TYR A 232 -5.42 -15.73 10.79
C TYR A 232 -6.19 -16.85 11.50
N GLN A 233 -5.93 -17.03 12.81
CA GLN A 233 -6.56 -18.03 13.68
C GLN A 233 -8.04 -17.71 13.97
N LEU A 234 -8.49 -16.47 13.70
CA LEU A 234 -9.84 -16.00 14.03
C LEU A 234 -10.80 -15.75 12.87
N SER A 235 -12.11 -15.85 13.17
CA SER A 235 -13.19 -15.51 12.25
C SER A 235 -13.32 -13.98 12.29
N ASN A 236 -14.03 -13.39 11.32
CA ASN A 236 -14.23 -11.94 11.27
C ASN A 236 -14.86 -11.36 12.54
N ASN A 237 -15.89 -12.04 13.12
CA ASN A 237 -16.54 -11.62 14.37
C ASN A 237 -15.56 -11.63 15.55
N GLU A 238 -14.68 -12.64 15.64
CA GLU A 238 -13.67 -12.79 16.69
C GLU A 238 -12.61 -11.68 16.57
N VAL A 239 -12.26 -11.28 15.33
CA VAL A 239 -11.29 -10.20 15.06
C VAL A 239 -11.81 -8.91 15.71
N ILE A 240 -13.08 -8.54 15.42
CA ILE A 240 -13.71 -7.33 15.95
C ILE A 240 -13.75 -7.34 17.48
N GLU A 241 -14.11 -8.48 18.08
CA GLU A 241 -14.15 -8.66 19.53
C GLU A 241 -12.76 -8.38 20.13
N CYS A 242 -11.68 -8.94 19.53
CA CYS A 242 -10.32 -8.72 20.01
C CYS A 242 -9.87 -7.25 19.92
N ILE A 243 -10.08 -6.61 18.76
CA ILE A 243 -9.69 -5.20 18.54
C ILE A 243 -10.41 -4.26 19.52
N THR A 244 -11.74 -4.39 19.63
CA THR A 244 -12.57 -3.55 20.50
C THR A 244 -12.35 -3.80 22.00
N GLN A 245 -11.93 -5.03 22.39
CA GLN A 245 -11.69 -5.36 23.80
C GLN A 245 -10.28 -5.07 24.33
N GLY A 246 -9.31 -4.85 23.44
CA GLY A 246 -7.95 -4.54 23.86
C GLY A 246 -6.93 -5.66 23.79
N ARG A 247 -7.26 -6.75 23.08
CA ARG A 247 -6.30 -7.85 22.87
C ARG A 247 -5.41 -7.45 21.70
N VAL A 248 -4.14 -7.91 21.67
CA VAL A 248 -3.20 -7.52 20.62
C VAL A 248 -2.62 -8.70 19.83
N LEU A 249 -2.15 -8.43 18.59
CA LEU A 249 -1.46 -9.42 17.76
C LEU A 249 -0.16 -9.83 18.47
N GLN A 250 0.24 -11.11 18.32
CA GLN A 250 1.46 -11.66 18.95
C GLN A 250 2.73 -11.05 18.37
N ARG A 251 3.81 -11.05 19.15
CA ARG A 251 5.11 -10.57 18.69
C ARG A 251 5.66 -11.56 17.64
N PRO A 252 5.95 -11.14 16.39
CA PRO A 252 6.53 -12.08 15.41
C PRO A 252 7.92 -12.52 15.88
N ARG A 253 8.29 -13.79 15.60
CA ARG A 253 9.59 -14.37 16.00
C ARG A 253 10.81 -13.55 15.53
N THR A 254 10.78 -13.01 14.31
CA THR A 254 11.86 -12.24 13.68
C THR A 254 11.88 -10.74 14.04
N CYS A 255 10.90 -10.29 14.83
CA CYS A 255 10.73 -8.89 15.19
C CYS A 255 11.59 -8.40 16.38
N PRO A 256 12.45 -7.36 16.20
CA PRO A 256 13.20 -6.80 17.34
C PRO A 256 12.24 -6.18 18.36
N GLN A 257 12.58 -6.28 19.67
CA GLN A 257 11.72 -5.78 20.76
C GLN A 257 11.24 -4.34 20.61
N GLU A 258 12.16 -3.42 20.20
CA GLU A 258 11.85 -2.00 19.98
C GLU A 258 10.82 -1.81 18.86
N VAL A 259 10.80 -2.71 17.85
CA VAL A 259 9.85 -2.66 16.74
C VAL A 259 8.47 -3.15 17.22
N TYR A 260 8.43 -4.19 18.09
CA TYR A 260 7.15 -4.67 18.64
C TYR A 260 6.53 -3.60 19.53
N GLU A 261 7.37 -2.89 20.31
CA GLU A 261 6.89 -1.79 21.18
C GLU A 261 6.37 -0.63 20.34
N LEU A 262 6.97 -0.40 19.15
CA LEU A 262 6.50 0.60 18.18
C LEU A 262 5.09 0.20 17.71
N MET A 263 4.89 -1.11 17.38
CA MET A 263 3.59 -1.66 16.96
C MET A 263 2.54 -1.43 18.06
N LEU A 264 2.89 -1.71 19.34
CA LEU A 264 2.01 -1.51 20.49
C LEU A 264 1.55 -0.05 20.61
N GLY A 265 2.46 0.89 20.33
CA GLY A 265 2.18 2.33 20.32
C GLY A 265 1.23 2.75 19.23
N CYS A 266 1.20 1.99 18.10
CA CYS A 266 0.28 2.23 16.98
C CYS A 266 -1.12 1.75 17.39
N TRP A 267 -1.18 0.79 18.33
CA TRP A 267 -2.42 0.12 18.75
C TRP A 267 -3.11 0.63 20.00
N GLN A 268 -2.88 1.91 20.36
CA GLN A 268 -3.56 2.53 21.49
C GLN A 268 -5.04 2.69 21.10
N ARG A 269 -5.97 2.36 22.01
CA ARG A 269 -7.41 2.46 21.74
C ARG A 269 -7.80 3.90 21.36
N GLU A 270 -7.30 4.89 22.12
CA GLU A 270 -7.58 6.30 21.88
C GLU A 270 -6.76 6.79 20.67
N PRO A 271 -7.40 7.25 19.57
CA PRO A 271 -6.62 7.72 18.41
C PRO A 271 -5.52 8.76 18.73
N HIS A 272 -5.82 9.74 19.61
CA HIS A 272 -4.85 10.77 19.98
C HIS A 272 -3.73 10.33 20.94
N MET A 273 -3.78 9.07 21.40
CA MET A 273 -2.74 8.47 22.25
C MET A 273 -1.72 7.69 21.39
N ARG A 274 -2.09 7.39 20.13
CA ARG A 274 -1.21 6.64 19.20
C ARG A 274 0.07 7.39 18.88
N LYS A 275 1.15 6.63 18.62
CA LYS A 275 2.45 7.19 18.25
C LYS A 275 2.35 8.01 16.98
N ASN A 276 3.04 9.17 16.94
CA ASN A 276 3.01 10.04 15.76
C ASN A 276 3.85 9.47 14.61
N ILE A 277 3.35 9.63 13.38
CA ILE A 277 4.01 9.14 12.17
C ILE A 277 5.48 9.56 11.99
N LYS A 278 5.82 10.82 12.32
CA LYS A 278 7.20 11.31 12.21
C LYS A 278 8.16 10.53 13.11
N GLY A 279 7.72 10.28 14.36
CA GLY A 279 8.47 9.51 15.34
C GLY A 279 8.67 8.06 14.93
N ILE A 280 7.62 7.46 14.33
CA ILE A 280 7.66 6.08 13.83
C ILE A 280 8.73 5.96 12.74
N HIS A 281 8.69 6.87 11.74
CA HIS A 281 9.64 6.89 10.64
C HIS A 281 11.08 7.10 11.12
N THR A 282 11.34 8.11 11.99
CA THR A 282 12.67 8.38 12.54
C THR A 282 13.29 7.12 13.16
N LEU A 283 12.52 6.39 14.00
CA LEU A 283 12.99 5.17 14.64
C LEU A 283 13.32 4.07 13.61
N LEU A 284 12.39 3.78 12.69
CA LEU A 284 12.61 2.76 11.65
C LEU A 284 13.80 3.10 10.75
N GLN A 285 13.96 4.38 10.41
CA GLN A 285 15.08 4.87 9.58
C GLN A 285 16.41 4.60 10.29
N ASN A 286 16.49 4.90 11.61
CA ASN A 286 17.68 4.70 12.43
C ASN A 286 18.05 3.22 12.57
N LEU A 287 17.04 2.35 12.78
CA LEU A 287 17.23 0.91 12.91
C LEU A 287 17.70 0.29 11.58
N ALA A 288 17.12 0.76 10.45
CA ALA A 288 17.49 0.26 9.12
C ALA A 288 18.94 0.62 8.78
N LYS A 289 19.36 1.86 9.10
CA LYS A 289 20.75 2.31 8.85
C LYS A 289 21.76 1.50 9.68
N ALA A 290 21.39 1.11 10.91
CA ALA A 290 22.23 0.31 11.81
C ALA A 290 22.32 -1.18 11.38
N SER A 291 21.33 -1.67 10.58
CA SER A 291 21.28 -3.05 10.06
C SER A 291 21.02 -2.98 8.54
N PRO A 292 22.01 -2.52 7.74
CA PRO A 292 21.77 -2.33 6.30
C PRO A 292 21.61 -3.59 5.47
N VAL A 293 21.08 -3.43 4.24
CA VAL A 293 20.86 -4.52 3.29
C VAL A 293 22.14 -4.67 2.45
N TYR A 294 22.65 -5.90 2.29
CA TYR A 294 23.86 -6.19 1.50
C TYR A 294 23.92 -7.61 0.90
N LEU A 295 23.11 -8.55 1.43
CA LEU A 295 23.12 -9.92 0.93
C LEU A 295 22.35 -10.05 -0.37
N ASP A 296 22.72 -11.05 -1.21
CA ASP A 296 22.04 -11.29 -2.48
C ASP A 296 20.62 -11.80 -2.20
N ILE A 297 19.63 -11.36 -3.00
CA ILE A 297 18.23 -11.76 -2.85
C ILE A 297 17.81 -12.56 -4.10
N LEU A 298 17.30 -13.77 -3.89
CA LEU A 298 16.87 -14.64 -4.98
C LEU A 298 15.35 -14.91 -4.93
N GLY A 299 14.71 -14.88 -6.09
CA GLY A 299 13.27 -15.08 -6.24
C GLY A 299 12.84 -16.53 -6.26
#